data_7IEY
#
_entry.id   7IEY
#
_cell.length_a   45.300
_cell.length_b   73.010
_cell.length_c   52.560
_cell.angle_alpha   90.00
_cell.angle_beta   109.40
_cell.angle_gamma   90.00
#
_symmetry.space_group_name_H-M   'P 1 21 1'
#
loop_
_entity.id
_entity.type
_entity.pdbx_description
1 polymer Endothiapepsin
2 non-polymer 2-phenoxyethanamine
3 non-polymer 'DIMETHYL SULFOXIDE'
4 water water
#
_entity_poly.entity_id   1
_entity_poly.type   'polypeptide(L)'
_entity_poly.pdbx_seq_one_letter_code
;STGSATTTPIDSLDDAYITPVQIGTPAQTLNLDFDTGSSDLWVFSSETTASEVDGQTIYTPSKSTTAKLLSGATWSISYG
DGSSSSGDVYTDTVSVGGLTVTGQAVESAKKVSSSFTEDSTIDGLLGLAFSTLNTVSPTQQKTFFDNAKASLDSPVFTAD
LGYHAPGTYNFGFIDTTAYTGSITYTAVSTKQGFWEWTSTGYAVGSGTFKSTSIDGIADTGTTLLYLPATVVSAYWAQVS
GAKSSSSVGGYVFPCSATLPSFTFGVGSARIVIPGDYIDFGPISTGSSSCFGGIQSSAGIGINIFGDVALKAAFVVFNGA
TTPTLGFASK
;
_entity_poly.pdbx_strand_id   A
#
loop_
_chem_comp.id
_chem_comp.type
_chem_comp.name
_chem_comp.formula
A1EHQ non-polymer 2-phenoxyethanamine 'C8 H11 N O'
DMS non-polymer 'DIMETHYL SULFOXIDE' 'C2 H6 O S'
#
# COMPACT_ATOMS: atom_id res chain seq x y z
N SER A 1 -12.22 20.82 3.17
CA SER A 1 -10.77 20.86 2.81
C SER A 1 -10.41 19.71 1.90
N THR A 2 -9.25 19.81 1.26
CA THR A 2 -8.69 18.74 0.46
C THR A 2 -7.18 18.73 0.64
N GLY A 3 -6.55 17.63 0.20
CA GLY A 3 -5.11 17.60 0.06
C GLY A 3 -4.74 16.80 -1.19
N SER A 4 -3.53 17.07 -1.70
CA SER A 4 -3.05 16.39 -2.90
C SER A 4 -1.54 16.30 -2.83
N ALA A 5 -0.99 15.08 -2.88
CA ALA A 5 0.44 14.89 -2.76
C ALA A 5 0.91 13.89 -3.80
N THR A 6 2.10 14.14 -4.34
CA THR A 6 2.70 13.21 -5.29
C THR A 6 3.37 12.08 -4.54
N THR A 7 3.22 10.86 -5.07
CA THR A 7 3.86 9.67 -4.53
C THR A 7 4.82 9.14 -5.58
N THR A 8 6.01 8.72 -5.13
CA THR A 8 7.13 8.45 -6.02
C THR A 8 7.68 7.05 -5.75
N PRO A 9 7.93 6.24 -6.77
CA PRO A 9 8.53 4.92 -6.51
CA PRO A 9 8.54 4.93 -6.52
C PRO A 9 9.91 5.06 -5.88
N ILE A 10 10.21 4.15 -4.95
CA ILE A 10 11.50 4.23 -4.27
C ILE A 10 12.66 3.69 -5.12
N ASP A 11 12.38 2.95 -6.18
CA ASP A 11 13.42 2.30 -6.97
C ASP A 11 12.83 1.98 -8.33
N SER A 12 13.66 1.40 -9.19
CA SER A 12 13.32 1.17 -10.58
C SER A 12 12.29 0.07 -10.76
N LEU A 13 11.96 -0.67 -9.70
CA LEU A 13 11.01 -1.77 -9.76
C LEU A 13 9.64 -1.41 -9.20
N ASP A 14 9.47 -0.20 -8.69
CA ASP A 14 8.24 0.17 -7.97
C ASP A 14 8.05 -0.71 -6.75
N ASP A 15 9.13 -0.99 -6.00
CA ASP A 15 8.98 -1.85 -4.83
C ASP A 15 8.07 -1.24 -3.78
N ALA A 16 8.04 0.08 -3.70
CA ALA A 16 7.15 0.82 -2.80
C ALA A 16 7.12 2.23 -3.31
N TYR A 17 6.24 3.02 -2.72
CA TYR A 17 6.06 4.43 -3.08
C TYR A 17 6.17 5.27 -1.82
N ILE A 18 6.82 6.43 -1.92
CA ILE A 18 6.97 7.37 -0.82
C ILE A 18 6.31 8.70 -1.14
N THR A 19 5.71 9.29 -0.11
CA THR A 19 4.94 10.51 -0.22
C THR A 19 5.45 11.45 0.88
N PRO A 20 5.76 12.70 0.56
CA PRO A 20 6.26 13.61 1.60
C PRO A 20 5.12 14.02 2.54
N VAL A 21 5.46 14.06 3.83
CA VAL A 21 4.53 14.38 4.91
C VAL A 21 5.21 15.38 5.84
N GLN A 22 4.50 16.46 6.16
CA GLN A 22 5.00 17.48 7.08
C GLN A 22 4.53 17.16 8.50
N ILE A 23 5.48 17.06 9.42
CA ILE A 23 5.20 16.73 10.82
C ILE A 23 5.80 17.80 11.71
N GLY A 24 4.99 18.36 12.60
CA GLY A 24 5.50 19.27 13.61
C GLY A 24 5.60 20.71 13.18
N THR A 25 6.11 21.52 14.13
CA THR A 25 6.24 22.96 13.96
C THR A 25 7.60 23.41 14.48
N PRO A 26 8.47 23.97 13.65
CA PRO A 26 8.37 24.08 12.19
C PRO A 26 8.28 22.70 11.56
N ALA A 27 7.83 22.63 10.32
CA ALA A 27 7.62 21.35 9.68
C ALA A 27 8.92 20.55 9.57
N GLN A 28 8.81 19.26 9.86
CA GLN A 28 9.83 18.28 9.52
C GLN A 28 9.24 17.38 8.44
N THR A 29 9.83 17.37 7.25
CA THR A 29 9.29 16.59 6.15
C THR A 29 9.95 15.22 6.10
N LEU A 30 9.12 14.19 6.22
CA LEU A 30 9.53 12.80 6.13
C LEU A 30 8.81 12.15 4.96
N ASN A 31 9.46 11.20 4.31
CA ASN A 31 8.89 10.49 3.16
C ASN A 31 8.31 9.16 3.63
N LEU A 32 6.98 9.08 3.68
CA LEU A 32 6.30 7.94 4.27
C LEU A 32 5.67 7.06 3.20
N ASP A 33 5.58 5.78 3.54
CA ASP A 33 4.96 4.76 2.70
C ASP A 33 3.49 4.68 3.11
N PHE A 34 2.61 5.24 2.26
CA PHE A 34 1.17 5.22 2.53
C PHE A 34 0.64 3.80 2.33
N ASP A 35 0.02 3.25 3.36
CA ASP A 35 -0.24 1.82 3.44
C ASP A 35 -1.72 1.60 3.76
N THR A 36 -2.53 1.30 2.75
CA THR A 36 -3.95 1.02 2.98
C THR A 36 -4.20 -0.34 3.61
N GLY A 37 -3.14 -1.11 3.90
CA GLY A 37 -3.22 -2.35 4.63
C GLY A 37 -2.85 -2.30 6.09
N SER A 38 -2.57 -1.14 6.66
CA SER A 38 -2.32 -1.02 8.09
C SER A 38 -2.80 0.34 8.58
N SER A 39 -2.73 0.56 9.89
CA SER A 39 -3.44 1.70 10.48
C SER A 39 -2.62 2.45 11.51
N ASP A 40 -1.29 2.36 11.42
CA ASP A 40 -0.37 3.10 12.28
C ASP A 40 0.42 4.07 11.43
N LEU A 41 0.57 5.29 11.92
CA LEU A 41 1.47 6.28 11.33
C LEU A 41 2.68 6.27 12.24
N TRP A 42 3.77 5.66 11.76
CA TRP A 42 4.98 5.57 12.56
C TRP A 42 6.16 6.10 11.76
N VAL A 43 7.14 6.63 12.48
CA VAL A 43 8.30 7.28 11.88
C VAL A 43 9.61 6.88 12.56
N PHE A 44 10.66 6.83 11.75
CA PHE A 44 12.02 6.92 12.29
C PHE A 44 12.15 8.22 13.05
N SER A 45 12.89 8.20 14.16
CA SER A 45 12.89 9.34 15.04
C SER A 45 14.23 9.45 15.77
N SER A 46 14.36 10.53 16.54
CA SER A 46 15.49 10.72 17.43
C SER A 46 15.54 9.66 18.53
N GLU A 47 14.47 8.89 18.70
CA GLU A 47 14.43 7.80 19.68
C GLU A 47 14.79 6.45 19.08
N THR A 48 14.93 6.35 17.77
CA THR A 48 15.21 5.06 17.14
C THR A 48 16.63 4.62 17.46
N THR A 49 16.77 3.37 17.93
CA THR A 49 18.08 2.77 18.17
C THR A 49 19.04 3.14 17.05
N ALA A 50 20.17 3.73 17.43
CA ALA A 50 21.07 4.34 16.44
C ALA A 50 21.52 3.34 15.39
N SER A 51 21.86 2.12 15.81
CA SER A 51 22.35 1.12 14.87
C SER A 51 21.29 0.66 13.88
N GLU A 52 20.04 1.02 14.10
CA GLU A 52 18.94 0.62 13.23
C GLU A 52 18.51 1.73 12.27
N VAL A 53 19.21 2.87 12.29
CA VAL A 53 18.99 3.97 11.37
C VAL A 53 20.15 3.97 10.38
N ASP A 54 19.83 3.96 9.08
CA ASP A 54 20.84 3.94 8.03
C ASP A 54 20.36 4.80 6.86
N GLY A 55 20.40 6.12 7.05
CA GLY A 55 20.11 7.04 5.97
C GLY A 55 18.73 7.65 5.99
N GLN A 56 17.82 7.16 6.82
CA GLN A 56 16.49 7.73 6.90
C GLN A 56 16.52 9.12 7.53
N THR A 57 15.54 9.93 7.14
CA THR A 57 15.28 11.18 7.83
C THR A 57 14.45 10.88 9.08
N ILE A 58 14.82 11.51 10.19
CA ILE A 58 14.20 11.25 11.48
C ILE A 58 13.33 12.43 11.90
N TYR A 59 12.24 12.09 12.59
CA TYR A 59 11.44 13.06 13.33
C TYR A 59 12.03 13.27 14.71
N THR A 60 12.23 14.54 15.08
CA THR A 60 12.76 14.87 16.40
C THR A 60 11.68 15.64 17.15
N PRO A 61 10.89 14.98 18.00
CA PRO A 61 9.78 15.72 18.66
C PRO A 61 10.24 16.88 19.51
N SER A 62 11.43 16.82 20.10
CA SER A 62 11.89 17.90 20.96
C SER A 62 12.10 19.20 20.18
N LYS A 63 12.17 19.14 18.86
CA LYS A 63 12.32 20.30 18.02
C LYS A 63 10.99 20.83 17.49
N SER A 64 9.88 20.19 17.84
CA SER A 64 8.56 20.62 17.39
C SER A 64 7.82 21.26 18.56
N THR A 65 7.39 22.51 18.37
CA THR A 65 6.71 23.23 19.44
C THR A 65 5.29 22.71 19.66
N THR A 66 4.76 21.94 18.73
CA THR A 66 3.42 21.38 18.83
C THR A 66 3.41 19.91 19.24
N ALA A 67 4.57 19.28 19.39
CA ALA A 67 4.60 17.89 19.81
C ALA A 67 4.28 17.76 21.30
N LYS A 68 3.52 16.72 21.64
CA LYS A 68 3.22 16.41 23.03
CA LYS A 68 3.24 16.42 23.03
C LYS A 68 3.32 14.91 23.21
N LEU A 69 4.05 14.46 24.23
CA LEU A 69 4.08 13.04 24.52
C LEU A 69 2.68 12.57 24.85
N LEU A 70 2.26 11.46 24.26
CA LEU A 70 0.98 10.83 24.64
C LEU A 70 1.35 9.88 25.78
N SER A 71 1.13 10.34 27.00
CA SER A 71 1.73 9.70 28.16
CA SER A 71 1.73 9.70 28.16
C SER A 71 1.22 8.28 28.33
N GLY A 72 2.14 7.33 28.48
CA GLY A 72 1.81 5.95 28.71
C GLY A 72 1.54 5.14 27.48
N ALA A 73 1.46 5.76 26.31
CA ALA A 73 1.08 5.05 25.11
C ALA A 73 2.29 4.38 24.46
N THR A 74 2.12 3.14 24.06
CA THR A 74 3.14 2.42 23.30
C THR A 74 2.48 1.77 22.09
N TRP A 75 3.32 1.32 21.16
CA TRP A 75 2.81 0.66 19.98
C TRP A 75 3.81 -0.40 19.56
N SER A 76 3.31 -1.41 18.87
CA SER A 76 4.15 -2.49 18.38
C SER A 76 3.39 -3.18 17.27
N ILE A 77 4.02 -3.30 16.10
CA ILE A 77 3.33 -3.82 14.94
C ILE A 77 4.21 -4.86 14.25
N SER A 78 3.56 -5.90 13.73
CA SER A 78 4.21 -6.95 12.96
C SER A 78 3.46 -7.09 11.66
N TYR A 79 4.14 -6.93 10.55
CA TYR A 79 3.52 -6.95 9.24
C TYR A 79 3.59 -8.35 8.63
N GLY A 80 2.77 -8.58 7.61
CA GLY A 80 2.64 -9.89 6.99
C GLY A 80 3.93 -10.44 6.40
N ASP A 81 4.86 -9.56 6.03
CA ASP A 81 6.13 -9.98 5.46
C ASP A 81 7.16 -10.34 6.53
N GLY A 82 6.82 -10.22 7.80
CA GLY A 82 7.75 -10.49 8.87
C GLY A 82 8.49 -9.28 9.41
N SER A 83 8.29 -8.11 8.83
CA SER A 83 8.87 -6.87 9.32
C SER A 83 8.12 -6.40 10.58
N SER A 84 8.76 -5.52 11.36
CA SER A 84 8.15 -5.06 12.60
C SER A 84 8.80 -3.75 13.04
N SER A 85 8.09 -3.05 13.94
CA SER A 85 8.61 -1.85 14.57
C SER A 85 7.79 -1.59 15.83
N SER A 86 8.33 -0.77 16.73
CA SER A 86 7.65 -0.47 17.99
C SER A 86 8.24 0.78 18.62
N GLY A 87 7.49 1.37 19.55
CA GLY A 87 7.99 2.54 20.25
C GLY A 87 6.93 3.20 21.11
N ASP A 88 7.05 4.52 21.24
CA ASP A 88 6.11 5.32 22.02
C ASP A 88 5.42 6.32 21.08
N VAL A 89 4.67 7.26 21.65
CA VAL A 89 3.71 8.01 20.84
C VAL A 89 3.71 9.48 21.25
N TYR A 90 3.70 10.35 20.25
CA TYR A 90 3.48 11.78 20.41
C TYR A 90 2.22 12.16 19.65
N THR A 91 1.59 13.27 20.04
CA THR A 91 0.63 13.90 19.13
C THR A 91 1.31 15.13 18.55
N ASP A 92 0.99 15.41 17.28
CA ASP A 92 1.59 16.58 16.63
C ASP A 92 0.73 16.91 15.42
N THR A 93 1.07 18.03 14.80
CA THR A 93 0.39 18.47 13.58
C THR A 93 1.00 17.77 12.39
N VAL A 94 0.15 17.17 11.56
CA VAL A 94 0.58 16.42 10.39
C VAL A 94 -0.15 16.96 9.18
N SER A 95 0.60 17.27 8.12
CA SER A 95 -0.01 17.75 6.87
C SER A 95 0.45 16.90 5.69
N VAL A 96 -0.49 16.60 4.82
CA VAL A 96 -0.25 15.86 3.59
C VAL A 96 -0.82 16.68 2.45
N GLY A 97 0.05 17.14 1.56
CA GLY A 97 -0.42 17.80 0.36
C GLY A 97 -1.32 18.98 0.63
N GLY A 98 -1.07 19.73 1.71
CA GLY A 98 -1.88 20.87 2.06
C GLY A 98 -3.02 20.62 3.03
N LEU A 99 -3.32 19.37 3.35
CA LEU A 99 -4.37 19.01 4.30
C LEU A 99 -3.75 18.77 5.66
N THR A 100 -4.22 19.49 6.67
CA THR A 100 -3.61 19.48 8.00
C THR A 100 -4.53 18.84 9.02
N VAL A 101 -3.97 17.96 9.85
CA VAL A 101 -4.63 17.38 11.01
C VAL A 101 -3.84 17.79 12.24
N THR A 102 -4.50 18.41 13.21
CA THR A 102 -3.86 18.65 14.50
C THR A 102 -4.16 17.51 15.44
N GLY A 103 -3.23 17.25 16.35
CA GLY A 103 -3.40 16.18 17.32
C GLY A 103 -3.32 14.77 16.75
N GLN A 104 -2.66 14.59 15.62
CA GLN A 104 -2.46 13.26 15.06
C GLN A 104 -1.48 12.47 15.90
N ALA A 105 -1.79 11.19 16.14
CA ALA A 105 -0.84 10.30 16.79
C ALA A 105 0.29 9.98 15.82
N VAL A 106 1.50 10.37 16.22
CA VAL A 106 2.74 10.10 15.49
C VAL A 106 3.51 9.10 16.34
N GLU A 107 3.62 7.88 15.84
CA GLU A 107 4.21 6.78 16.60
C GLU A 107 5.71 6.78 16.33
N SER A 108 6.49 7.08 17.36
CA SER A 108 7.93 7.23 17.25
C SER A 108 8.59 5.89 17.46
N ALA A 109 9.37 5.43 16.47
CA ALA A 109 10.00 4.12 16.58
C ALA A 109 11.19 4.17 17.53
N LYS A 110 11.19 3.26 18.49
CA LYS A 110 12.41 2.95 19.23
C LYS A 110 13.17 1.80 18.61
N LYS A 111 12.46 0.86 17.98
CA LYS A 111 13.05 -0.29 17.34
C LYS A 111 12.37 -0.50 15.99
N VAL A 112 13.17 -0.89 15.00
CA VAL A 112 12.67 -1.31 13.70
C VAL A 112 13.43 -2.55 13.27
N SER A 113 12.77 -3.38 12.46
CA SER A 113 13.43 -4.58 11.96
C SER A 113 14.33 -4.25 10.78
N SER A 114 15.12 -5.26 10.38
CA SER A 114 16.20 -5.03 9.42
C SER A 114 15.67 -4.55 8.07
N SER A 115 14.50 -5.01 7.65
N SER A 115 14.51 -5.03 7.65
CA SER A 115 13.97 -4.59 6.34
CA SER A 115 13.97 -4.59 6.36
C SER A 115 13.71 -3.09 6.31
C SER A 115 13.81 -3.08 6.33
N PHE A 116 13.35 -2.50 7.44
CA PHE A 116 13.18 -1.05 7.49
C PHE A 116 14.53 -0.33 7.53
N THR A 117 15.46 -0.80 8.36
CA THR A 117 16.79 -0.22 8.37
C THR A 117 17.39 -0.18 6.97
N GLU A 118 17.22 -1.25 6.21
CA GLU A 118 17.83 -1.39 4.89
C GLU A 118 17.18 -0.52 3.82
N ASP A 119 15.96 -0.06 4.02
CA ASP A 119 15.27 0.80 3.05
C ASP A 119 15.52 2.25 3.47
N SER A 120 16.64 2.81 3.03
CA SER A 120 17.01 4.18 3.42
C SER A 120 16.03 5.22 2.90
N THR A 121 15.21 4.87 1.91
CA THR A 121 14.28 5.80 1.29
C THR A 121 12.94 5.91 2.02
N ILE A 122 12.63 5.01 2.94
CA ILE A 122 11.35 4.99 3.63
C ILE A 122 11.56 5.46 5.07
N ASP A 123 10.99 6.62 5.40
CA ASP A 123 11.16 7.22 6.73
C ASP A 123 10.08 6.79 7.71
N GLY A 124 9.16 5.93 7.28
CA GLY A 124 8.07 5.48 8.11
C GLY A 124 6.89 5.12 7.23
N LEU A 125 5.80 4.73 7.90
CA LEU A 125 4.57 4.32 7.22
C LEU A 125 3.43 5.21 7.69
N LEU A 126 2.48 5.47 6.80
CA LEU A 126 1.25 6.18 7.12
C LEU A 126 0.08 5.25 6.80
N GLY A 127 -0.51 4.69 7.84
CA GLY A 127 -1.56 3.69 7.66
C GLY A 127 -2.88 4.33 7.25
N LEU A 128 -3.57 3.68 6.32
CA LEU A 128 -4.84 4.14 5.78
C LEU A 128 -5.91 3.06 5.77
N ALA A 129 -5.68 1.94 6.46
CA ALA A 129 -6.74 0.97 6.72
C ALA A 129 -7.63 1.50 7.84
N PHE A 130 -8.52 0.66 8.37
CA PHE A 130 -9.46 1.16 9.37
C PHE A 130 -8.82 1.25 10.75
N SER A 131 -9.24 2.25 11.53
CA SER A 131 -8.56 2.53 12.79
C SER A 131 -8.68 1.40 13.81
N THR A 132 -9.60 0.47 13.60
CA THR A 132 -9.69 -0.70 14.47
C THR A 132 -8.42 -1.54 14.47
N LEU A 133 -7.56 -1.41 13.44
CA LEU A 133 -6.28 -2.12 13.42
C LEU A 133 -5.13 -1.37 14.10
N ASN A 134 -5.35 -0.12 14.52
CA ASN A 134 -4.25 0.63 15.11
C ASN A 134 -3.72 -0.05 16.37
N THR A 135 -2.40 -0.08 16.53
CA THR A 135 -1.80 -0.88 17.61
C THR A 135 -1.51 -0.09 18.87
N VAL A 136 -1.82 1.20 18.94
CA VAL A 136 -1.46 1.95 20.14
C VAL A 136 -2.24 1.43 21.34
N SER A 137 -1.54 1.26 22.45
CA SER A 137 -2.08 0.78 23.70
C SER A 137 -1.65 1.74 24.81
N PRO A 138 -2.52 1.99 25.81
CA PRO A 138 -3.82 1.36 26.05
C PRO A 138 -4.99 2.07 25.38
N THR A 139 -4.73 3.17 24.68
CA THR A 139 -5.77 3.96 24.03
C THR A 139 -5.50 3.93 22.53
N GLN A 140 -6.32 3.18 21.80
CA GLN A 140 -6.15 3.07 20.37
C GLN A 140 -6.33 4.43 19.70
N GLN A 141 -5.55 4.66 18.65
CA GLN A 141 -5.50 5.94 17.96
C GLN A 141 -6.10 5.85 16.56
N LYS A 142 -6.53 7.00 16.05
CA LYS A 142 -7.12 7.12 14.72
C LYS A 142 -6.08 7.39 13.63
N THR A 143 -6.36 6.87 12.44
CA THR A 143 -5.52 7.18 11.29
C THR A 143 -5.67 8.64 10.89
N PHE A 144 -4.71 9.07 10.07
CA PHE A 144 -4.73 10.42 9.49
C PHE A 144 -6.04 10.65 8.73
N PHE A 145 -6.48 9.65 7.96
CA PHE A 145 -7.72 9.82 7.19
C PHE A 145 -8.92 9.91 8.11
N ASP A 146 -8.98 9.05 9.13
N ASP A 146 -9.00 9.07 9.14
CA ASP A 146 -10.06 9.08 10.10
CA ASP A 146 -10.14 9.18 10.05
C ASP A 146 -10.15 10.45 10.77
C ASP A 146 -10.17 10.53 10.75
N ASN A 147 -9.01 11.03 11.18
CA ASN A 147 -8.99 12.34 11.81
C ASN A 147 -9.39 13.45 10.84
N ALA A 148 -9.00 13.33 9.56
CA ALA A 148 -9.29 14.37 8.58
C ALA A 148 -10.72 14.32 8.05
N LYS A 149 -11.38 13.17 8.17
CA LYS A 149 -12.53 12.85 7.32
C LYS A 149 -13.63 13.90 7.44
N ALA A 150 -13.96 14.31 8.66
CA ALA A 150 -15.10 15.22 8.85
C ALA A 150 -14.84 16.58 8.21
N SER A 151 -13.57 16.97 8.08
CA SER A 151 -13.20 18.26 7.49
C SER A 151 -13.14 18.22 5.97
N LEU A 152 -13.03 17.03 5.39
CA LEU A 152 -12.85 16.90 3.95
C LEU A 152 -14.13 17.27 3.21
N ASP A 153 -13.97 17.77 1.99
CA ASP A 153 -15.13 18.09 1.16
C ASP A 153 -15.99 16.85 0.94
N SER A 154 -15.36 15.70 0.75
CA SER A 154 -16.03 14.41 0.58
CA SER A 154 -16.02 14.42 0.60
C SER A 154 -15.17 13.41 1.36
N PRO A 155 -15.78 12.42 2.02
CA PRO A 155 -15.01 11.54 2.93
C PRO A 155 -14.32 10.41 2.18
N VAL A 156 -13.36 10.78 1.34
CA VAL A 156 -12.71 9.86 0.41
C VAL A 156 -11.23 10.19 0.32
N PHE A 157 -10.45 9.20 -0.11
CA PHE A 157 -9.12 9.46 -0.64
C PHE A 157 -8.94 8.57 -1.86
N THR A 158 -8.01 8.95 -2.73
CA THR A 158 -7.79 8.19 -3.95
C THR A 158 -6.31 7.90 -4.09
N ALA A 159 -6.02 6.72 -4.66
CA ALA A 159 -4.67 6.28 -4.96
C ALA A 159 -4.53 6.16 -6.47
N ASP A 160 -3.55 6.85 -7.01
CA ASP A 160 -3.26 6.85 -8.45
C ASP A 160 -1.76 6.56 -8.58
N LEU A 161 -1.38 5.30 -8.45
CA LEU A 161 0.02 4.94 -8.45
C LEU A 161 0.53 4.81 -9.88
N GLY A 162 1.75 5.27 -10.12
CA GLY A 162 2.35 5.19 -11.44
C GLY A 162 3.13 3.90 -11.66
N TYR A 163 3.22 3.51 -12.92
CA TYR A 163 4.13 2.43 -13.34
C TYR A 163 5.45 3.08 -13.71
N HIS A 164 6.48 2.79 -12.93
CA HIS A 164 7.81 3.34 -13.16
C HIS A 164 7.75 4.86 -13.30
N ALA A 165 6.90 5.50 -12.50
CA ALA A 165 6.67 6.93 -12.62
C ALA A 165 5.93 7.40 -11.37
N PRO A 166 5.99 8.69 -11.05
CA PRO A 166 5.22 9.21 -9.92
C PRO A 166 3.71 9.16 -10.17
N GLY A 167 2.98 9.26 -9.07
CA GLY A 167 1.54 9.27 -9.09
C GLY A 167 1.04 10.20 -8.01
N THR A 168 -0.21 10.01 -7.57
CA THR A 168 -0.86 10.97 -6.70
C THR A 168 -1.74 10.28 -5.67
N TYR A 169 -1.70 10.81 -4.44
CA TYR A 169 -2.72 10.56 -3.41
C TYR A 169 -3.50 11.85 -3.22
N ASN A 170 -4.81 11.78 -3.42
CA ASN A 170 -5.70 12.90 -3.13
C ASN A 170 -6.60 12.57 -1.96
N PHE A 171 -6.89 13.60 -1.16
CA PHE A 171 -7.80 13.50 -0.03
C PHE A 171 -8.94 14.50 -0.20
N GLY A 172 -10.17 13.99 -0.12
CA GLY A 172 -11.33 14.85 -0.06
C GLY A 172 -12.00 15.16 -1.37
N PHE A 173 -11.48 14.66 -2.49
CA PHE A 173 -12.08 14.92 -3.79
C PHE A 173 -11.64 13.86 -4.78
N ILE A 174 -12.45 13.70 -5.83
CA ILE A 174 -12.15 12.79 -6.93
C ILE A 174 -11.80 13.64 -8.14
N ASP A 175 -10.56 13.49 -8.63
CA ASP A 175 -10.07 14.23 -9.80
C ASP A 175 -10.60 13.53 -11.03
N THR A 176 -11.67 14.08 -11.62
CA THR A 176 -12.29 13.45 -12.77
C THR A 176 -11.43 13.50 -14.03
N THR A 177 -10.30 14.19 -14.00
CA THR A 177 -9.37 14.18 -15.14
C THR A 177 -8.34 13.07 -15.05
N ALA A 178 -8.32 12.32 -13.95
CA ALA A 178 -7.25 11.37 -13.68
C ALA A 178 -7.57 9.96 -14.13
N TYR A 179 -8.74 9.72 -14.73
CA TYR A 179 -9.11 8.36 -15.12
C TYR A 179 -9.92 8.45 -16.40
N THR A 180 -10.06 7.32 -17.08
CA THR A 180 -10.86 7.19 -18.28
C THR A 180 -12.15 6.45 -17.94
N GLY A 181 -13.18 6.66 -18.75
CA GLY A 181 -14.42 5.95 -18.53
C GLY A 181 -15.05 6.33 -17.19
N SER A 182 -15.72 5.35 -16.59
N SER A 182 -15.71 5.35 -16.59
CA SER A 182 -16.42 5.55 -15.33
CA SER A 182 -16.42 5.54 -15.32
C SER A 182 -15.76 4.76 -14.22
C SER A 182 -15.71 4.78 -14.20
N ILE A 183 -16.04 5.16 -12.98
CA ILE A 183 -15.56 4.47 -11.79
C ILE A 183 -16.62 3.43 -11.41
N THR A 184 -16.21 2.17 -11.26
CA THR A 184 -17.11 1.14 -10.77
C THR A 184 -16.87 0.91 -9.29
N TYR A 185 -17.91 1.10 -8.51
CA TYR A 185 -17.84 0.91 -7.07
C TYR A 185 -18.29 -0.49 -6.67
N THR A 186 -17.70 -0.98 -5.59
CA THR A 186 -17.91 -2.35 -5.13
C THR A 186 -17.89 -2.35 -3.61
N ALA A 187 -18.62 -3.30 -3.03
CA ALA A 187 -18.81 -3.33 -1.59
C ALA A 187 -17.52 -3.66 -0.84
N VAL A 188 -17.42 -3.15 0.38
CA VAL A 188 -16.29 -3.38 1.26
C VAL A 188 -16.79 -4.00 2.55
N SER A 189 -16.05 -5.00 3.03
CA SER A 189 -16.21 -5.48 4.40
C SER A 189 -15.10 -4.91 5.27
N THR A 190 -15.46 -4.33 6.40
CA THR A 190 -14.47 -3.83 7.35
C THR A 190 -14.22 -4.80 8.49
N LYS A 191 -14.74 -6.03 8.40
CA LYS A 191 -14.72 -6.94 9.55
C LYS A 191 -13.31 -7.30 9.98
N GLN A 192 -12.35 -7.30 9.04
CA GLN A 192 -10.95 -7.58 9.37
C GLN A 192 -10.12 -6.30 9.45
N GLY A 193 -10.75 -5.14 9.35
CA GLY A 193 -10.05 -3.87 9.43
C GLY A 193 -9.44 -3.40 8.13
N PHE A 194 -9.63 -4.12 7.04
CA PHE A 194 -9.02 -3.82 5.75
C PHE A 194 -10.06 -3.27 4.79
N TRP A 195 -9.57 -2.74 3.68
CA TRP A 195 -10.40 -2.42 2.51
C TRP A 195 -10.60 -3.71 1.73
N GLU A 196 -11.47 -4.56 2.24
CA GLU A 196 -11.65 -5.92 1.75
C GLU A 196 -12.86 -5.95 0.83
N TRP A 197 -12.69 -6.55 -0.35
CA TRP A 197 -13.72 -6.52 -1.37
C TRP A 197 -13.65 -7.87 -2.11
N THR A 198 -14.56 -8.06 -3.06
CA THR A 198 -14.62 -9.32 -3.82
C THR A 198 -14.55 -9.01 -5.30
N SER A 199 -13.45 -9.40 -5.93
CA SER A 199 -13.33 -9.34 -7.38
C SER A 199 -14.22 -10.38 -8.02
N THR A 200 -14.71 -10.08 -9.21
CA THR A 200 -15.64 -10.95 -9.91
C THR A 200 -14.97 -11.93 -10.85
N GLY A 201 -13.65 -11.90 -10.99
CA GLY A 201 -12.96 -12.94 -11.75
C GLY A 201 -11.70 -12.41 -12.41
N TYR A 202 -11.20 -13.18 -13.38
CA TYR A 202 -9.94 -12.82 -13.98
C TYR A 202 -9.82 -13.37 -15.39
N ALA A 203 -8.88 -12.81 -16.15
CA ALA A 203 -8.45 -13.39 -17.42
C ALA A 203 -6.94 -13.29 -17.51
N VAL A 204 -6.35 -14.20 -18.27
CA VAL A 204 -4.91 -14.22 -18.53
C VAL A 204 -4.70 -13.85 -20.00
N GLY A 205 -3.96 -12.77 -20.24
CA GLY A 205 -3.71 -12.36 -21.62
C GLY A 205 -5.02 -12.13 -22.35
N SER A 206 -5.09 -12.67 -23.58
CA SER A 206 -6.28 -12.55 -24.42
CA SER A 206 -6.27 -12.56 -24.43
C SER A 206 -7.27 -13.67 -24.15
N GLY A 207 -7.08 -14.43 -23.10
CA GLY A 207 -7.95 -15.55 -22.80
C GLY A 207 -9.32 -15.11 -22.32
N THR A 208 -10.22 -16.09 -22.24
CA THR A 208 -11.58 -15.81 -21.81
C THR A 208 -11.60 -15.48 -20.32
N PHE A 209 -12.55 -14.63 -19.95
CA PHE A 209 -12.71 -14.21 -18.56
C PHE A 209 -13.37 -15.33 -17.77
N LYS A 210 -12.79 -15.67 -16.64
CA LYS A 210 -13.32 -16.67 -15.72
C LYS A 210 -14.07 -15.93 -14.61
N SER A 211 -15.38 -16.15 -14.54
CA SER A 211 -16.19 -15.57 -13.49
C SER A 211 -16.03 -16.39 -12.22
N THR A 212 -15.46 -15.79 -11.19
CA THR A 212 -15.22 -16.45 -9.92
C THR A 212 -14.96 -15.39 -8.88
N SER A 213 -15.51 -15.58 -7.69
CA SER A 213 -15.37 -14.58 -6.62
C SER A 213 -14.02 -14.72 -5.93
N ILE A 214 -13.28 -13.61 -5.86
CA ILE A 214 -11.97 -13.59 -5.22
C ILE A 214 -11.99 -12.50 -4.16
N ASP A 215 -12.11 -12.89 -2.89
CA ASP A 215 -12.08 -11.94 -1.78
CA ASP A 215 -12.08 -11.94 -1.79
C ASP A 215 -10.65 -11.52 -1.52
N GLY A 216 -10.40 -10.22 -1.43
CA GLY A 216 -9.06 -9.78 -1.11
C GLY A 216 -9.06 -8.34 -0.64
N ILE A 217 -7.87 -7.81 -0.39
CA ILE A 217 -7.75 -6.45 0.16
C ILE A 217 -7.03 -5.55 -0.83
N ALA A 218 -7.44 -4.29 -0.88
CA ALA A 218 -6.73 -3.27 -1.63
C ALA A 218 -5.65 -2.69 -0.74
N ASP A 219 -4.39 -3.00 -1.06
CA ASP A 219 -3.27 -2.76 -0.16
C ASP A 219 -2.11 -2.04 -0.87
N THR A 220 -2.08 -0.72 -0.75
CA THR A 220 -1.01 0.05 -1.35
C THR A 220 0.35 -0.23 -0.72
N GLY A 221 0.39 -0.80 0.48
CA GLY A 221 1.63 -1.10 1.15
C GLY A 221 2.24 -2.45 0.85
N THR A 222 1.64 -3.22 -0.05
CA THR A 222 2.19 -4.49 -0.52
C THR A 222 2.57 -4.32 -1.99
N THR A 223 3.76 -4.81 -2.36
CA THR A 223 4.28 -4.58 -3.70
C THR A 223 3.50 -5.37 -4.76
N LEU A 224 3.28 -6.65 -4.51
CA LEU A 224 2.84 -7.59 -5.53
C LEU A 224 1.36 -7.92 -5.40
N LEU A 225 0.88 -8.71 -6.36
CA LEU A 225 -0.49 -9.20 -6.43
C LEU A 225 -0.48 -10.66 -5.97
N TYR A 226 -1.15 -10.95 -4.86
CA TYR A 226 -1.18 -12.28 -4.26
C TYR A 226 -2.59 -12.84 -4.40
N LEU A 227 -2.72 -13.95 -5.12
CA LEU A 227 -4.00 -14.53 -5.48
C LEU A 227 -3.99 -16.02 -5.25
N PRO A 228 -5.15 -16.68 -5.29
CA PRO A 228 -5.17 -18.11 -5.01
C PRO A 228 -4.29 -18.90 -5.97
N ALA A 229 -3.77 -20.02 -5.47
CA ALA A 229 -2.80 -20.80 -6.23
C ALA A 229 -3.34 -21.23 -7.60
N THR A 230 -4.63 -21.55 -7.68
CA THR A 230 -5.22 -21.94 -8.96
C THR A 230 -5.06 -20.81 -10.00
N VAL A 231 -5.39 -19.59 -9.59
CA VAL A 231 -5.33 -18.43 -10.49
C VAL A 231 -3.89 -18.17 -10.91
N VAL A 232 -2.97 -18.21 -9.95
CA VAL A 232 -1.57 -17.91 -10.21
C VAL A 232 -0.96 -18.96 -11.13
N SER A 233 -1.31 -20.23 -10.93
CA SER A 233 -0.82 -21.28 -11.80
C SER A 233 -1.32 -21.09 -13.23
N ALA A 234 -2.60 -20.72 -13.38
CA ALA A 234 -3.14 -20.46 -14.71
C ALA A 234 -2.41 -19.32 -15.40
N TYR A 235 -2.02 -18.29 -14.66
CA TYR A 235 -1.24 -17.20 -15.27
C TYR A 235 0.12 -17.68 -15.74
N TRP A 236 0.92 -18.28 -14.84
CA TRP A 236 2.30 -18.60 -15.16
C TRP A 236 2.41 -19.75 -16.16
N ALA A 237 1.37 -20.55 -16.29
CA ALA A 237 1.33 -21.60 -17.32
C ALA A 237 1.42 -21.01 -18.73
N GLN A 238 1.09 -19.73 -18.88
CA GLN A 238 1.16 -19.07 -20.18
C GLN A 238 2.54 -18.49 -20.48
N VAL A 239 3.53 -18.69 -19.61
CA VAL A 239 4.86 -18.14 -19.77
C VAL A 239 5.83 -19.30 -19.87
N SER A 240 6.46 -19.48 -21.02
CA SER A 240 7.37 -20.61 -21.23
CA SER A 240 7.35 -20.62 -21.21
C SER A 240 8.52 -20.54 -20.24
N GLY A 241 8.74 -21.62 -19.52
CA GLY A 241 9.84 -21.72 -18.60
C GLY A 241 9.56 -21.18 -17.22
N ALA A 242 8.36 -20.64 -16.98
CA ALA A 242 8.06 -20.14 -15.64
C ALA A 242 7.82 -21.31 -14.70
N LYS A 243 8.21 -21.13 -13.45
CA LYS A 243 8.06 -22.18 -12.45
C LYS A 243 8.03 -21.56 -11.08
N SER A 244 7.44 -22.28 -10.14
CA SER A 244 7.51 -21.89 -8.74
C SER A 244 8.79 -22.45 -8.15
N SER A 245 9.59 -21.58 -7.55
CA SER A 245 10.87 -21.93 -6.96
C SER A 245 10.78 -21.79 -5.44
N SER A 246 10.90 -22.92 -4.74
CA SER A 246 10.90 -22.87 -3.28
CA SER A 246 10.91 -22.87 -3.28
C SER A 246 12.14 -22.15 -2.75
N SER A 247 13.28 -22.28 -3.44
CA SER A 247 14.50 -21.63 -2.96
C SER A 247 14.44 -20.13 -3.14
N VAL A 248 13.80 -19.66 -4.21
CA VAL A 248 13.68 -18.21 -4.39
C VAL A 248 12.51 -17.65 -3.58
N GLY A 249 11.44 -18.42 -3.41
CA GLY A 249 10.28 -17.98 -2.67
C GLY A 249 9.08 -17.57 -3.51
N GLY A 250 8.96 -18.08 -4.72
CA GLY A 250 7.80 -17.79 -5.54
C GLY A 250 8.07 -18.14 -6.99
N TYR A 251 7.13 -17.71 -7.82
CA TYR A 251 7.26 -17.90 -9.26
C TYR A 251 8.35 -17.02 -9.82
N VAL A 252 9.17 -17.64 -10.65
CA VAL A 252 10.21 -17.01 -11.45
C VAL A 252 9.97 -17.37 -12.91
N PHE A 253 10.56 -16.57 -13.79
CA PHE A 253 10.35 -16.77 -15.21
C PHE A 253 11.60 -16.31 -15.95
N PRO A 254 11.83 -16.80 -17.16
CA PRO A 254 13.00 -16.36 -17.92
C PRO A 254 12.92 -14.86 -18.20
N CYS A 255 14.02 -14.16 -17.94
CA CYS A 255 14.00 -12.73 -18.18
C CYS A 255 13.80 -12.39 -19.65
N SER A 256 14.04 -13.34 -20.56
CA SER A 256 13.80 -13.15 -21.98
C SER A 256 12.33 -13.20 -22.37
N ALA A 257 11.43 -13.53 -21.44
CA ALA A 257 10.03 -13.68 -21.77
C ALA A 257 9.35 -12.33 -21.97
N THR A 258 8.29 -12.34 -22.79
CA THR A 258 7.30 -11.28 -22.83
C THR A 258 6.09 -11.75 -22.07
N LEU A 259 5.70 -11.02 -21.02
CA LEU A 259 4.65 -11.51 -20.13
C LEU A 259 3.27 -11.13 -20.66
N PRO A 260 2.28 -12.00 -20.49
CA PRO A 260 0.91 -11.63 -20.83
C PRO A 260 0.33 -10.70 -19.77
N SER A 261 -0.71 -9.97 -20.18
CA SER A 261 -1.44 -9.15 -19.24
C SER A 261 -2.26 -10.04 -18.29
N PHE A 262 -2.80 -9.41 -17.25
CA PHE A 262 -3.70 -10.07 -16.32
C PHE A 262 -4.87 -9.12 -16.08
N THR A 263 -6.10 -9.61 -16.25
CA THR A 263 -7.29 -8.80 -16.04
C THR A 263 -7.99 -9.27 -14.76
N PHE A 264 -8.45 -8.32 -13.95
CA PHE A 264 -9.31 -8.64 -12.82
C PHE A 264 -10.64 -7.91 -12.93
N GLY A 265 -11.69 -8.54 -12.44
CA GLY A 265 -13.01 -7.96 -12.50
C GLY A 265 -13.37 -7.14 -11.28
N VAL A 266 -14.05 -6.02 -11.54
CA VAL A 266 -14.66 -5.19 -10.51
C VAL A 266 -16.12 -5.05 -10.95
N GLY A 267 -17.01 -5.78 -10.29
CA GLY A 267 -18.36 -5.87 -10.80
C GLY A 267 -18.31 -6.33 -12.26
N SER A 268 -19.05 -5.65 -13.11
CA SER A 268 -19.03 -5.97 -14.54
CA SER A 268 -19.04 -5.96 -14.54
C SER A 268 -17.88 -5.30 -15.28
N ALA A 269 -17.09 -4.48 -14.61
CA ALA A 269 -15.96 -3.81 -15.22
C ALA A 269 -14.70 -4.66 -15.13
N ARG A 270 -13.67 -4.24 -15.84
CA ARG A 270 -12.44 -5.00 -15.97
C ARG A 270 -11.25 -4.05 -15.87
N ILE A 271 -10.25 -4.42 -15.08
CA ILE A 271 -8.99 -3.68 -15.00
C ILE A 271 -7.90 -4.57 -15.58
N VAL A 272 -7.17 -4.04 -16.55
CA VAL A 272 -6.12 -4.79 -17.24
C VAL A 272 -4.76 -4.36 -16.72
N ILE A 273 -4.01 -5.32 -16.16
CA ILE A 273 -2.63 -5.10 -15.73
C ILE A 273 -1.74 -5.49 -16.92
N PRO A 274 -1.03 -4.55 -17.55
CA PRO A 274 -0.13 -4.94 -18.65
C PRO A 274 0.95 -5.91 -18.17
N GLY A 275 1.39 -6.77 -19.09
CA GLY A 275 2.40 -7.75 -18.74
C GLY A 275 3.66 -7.16 -18.13
N ASP A 276 4.08 -5.99 -18.63
CA ASP A 276 5.31 -5.41 -18.11
C ASP A 276 5.21 -5.08 -16.62
N TYR A 277 4.00 -4.81 -16.12
CA TYR A 277 3.84 -4.49 -14.70
C TYR A 277 4.15 -5.70 -13.82
N ILE A 278 4.19 -6.90 -14.39
CA ILE A 278 4.35 -8.15 -13.66
C ILE A 278 5.81 -8.58 -13.61
N ASP A 279 6.71 -7.82 -14.24
CA ASP A 279 8.13 -8.13 -14.26
C ASP A 279 8.84 -7.41 -13.13
N PHE A 280 9.38 -8.17 -12.18
CA PHE A 280 10.14 -7.60 -11.07
C PHE A 280 11.64 -7.86 -11.18
N GLY A 281 12.10 -8.19 -12.38
CA GLY A 281 13.50 -8.18 -12.69
C GLY A 281 14.28 -9.34 -12.13
N PRO A 282 15.59 -9.33 -12.37
CA PRO A 282 16.43 -10.48 -12.00
C PRO A 282 16.35 -10.78 -10.51
N ILE A 283 16.36 -12.08 -10.18
CA ILE A 283 16.25 -12.47 -8.78
C ILE A 283 17.47 -12.02 -7.98
N SER A 284 18.61 -11.91 -8.66
CA SER A 284 19.86 -11.42 -8.11
C SER A 284 20.55 -10.73 -9.27
N THR A 285 21.45 -9.80 -8.96
CA THR A 285 22.08 -9.02 -10.00
C THR A 285 22.73 -9.93 -11.04
N GLY A 286 22.40 -9.69 -12.31
CA GLY A 286 22.98 -10.43 -13.41
C GLY A 286 22.29 -11.74 -13.76
N SER A 287 21.33 -12.17 -12.97
CA SER A 287 20.65 -13.43 -13.24
C SER A 287 19.73 -13.28 -14.44
N SER A 288 19.54 -14.37 -15.17
CA SER A 288 18.53 -14.41 -16.22
C SER A 288 17.21 -15.01 -15.75
N SER A 289 17.07 -15.26 -14.45
CA SER A 289 15.79 -15.63 -13.87
CA SER A 289 15.80 -15.64 -13.87
C SER A 289 15.19 -14.39 -13.24
N CYS A 290 13.95 -14.10 -13.58
CA CYS A 290 13.27 -12.89 -13.15
C CYS A 290 12.14 -13.24 -12.20
N PHE A 291 11.87 -12.33 -11.26
CA PHE A 291 10.85 -12.59 -10.24
C PHE A 291 9.47 -12.10 -10.71
N GLY A 292 8.46 -12.95 -10.52
CA GLY A 292 7.14 -12.60 -10.98
C GLY A 292 6.39 -11.67 -10.04
N GLY A 293 5.51 -10.86 -10.62
CA GLY A 293 4.72 -9.91 -9.87
C GLY A 293 3.36 -10.38 -9.41
N ILE A 294 2.98 -11.59 -9.82
CA ILE A 294 1.77 -12.28 -9.38
C ILE A 294 2.27 -13.54 -8.68
N GLN A 295 1.87 -13.70 -7.41
CA GLN A 295 2.36 -14.77 -6.56
C GLN A 295 1.17 -15.38 -5.82
N SER A 296 1.36 -16.59 -5.32
CA SER A 296 0.31 -17.26 -4.59
C SER A 296 0.11 -16.66 -3.21
N SER A 297 -1.16 -16.52 -2.81
CA SER A 297 -1.51 -16.12 -1.46
C SER A 297 -1.64 -17.31 -0.51
N ALA A 298 -1.39 -18.53 -0.98
N ALA A 298 -1.34 -18.52 -0.96
CA ALA A 298 -1.48 -19.69 -0.09
CA ALA A 298 -1.70 -19.71 -0.18
C ALA A 298 -0.45 -19.57 1.03
C ALA A 298 -1.17 -19.66 1.25
N GLY A 299 -0.93 -19.68 2.25
N GLY A 299 0.05 -19.18 1.46
CA GLY A 299 -0.10 -19.45 3.41
CA GLY A 299 0.62 -19.15 2.79
C GLY A 299 -0.12 -18.03 3.93
C GLY A 299 0.28 -17.94 3.62
N ILE A 300 -0.61 -17.06 3.15
CA ILE A 300 -0.84 -15.75 3.72
C ILE A 300 -2.15 -15.71 4.49
N GLY A 301 -3.17 -16.39 3.99
CA GLY A 301 -4.49 -16.38 4.58
C GLY A 301 -5.42 -15.31 4.05
N ILE A 302 -4.97 -14.49 3.09
CA ILE A 302 -5.82 -13.50 2.45
C ILE A 302 -5.21 -13.18 1.10
N ASN A 303 -6.05 -12.87 0.13
CA ASN A 303 -5.58 -12.39 -1.17
C ASN A 303 -5.32 -10.89 -1.06
N ILE A 304 -4.27 -10.44 -1.76
CA ILE A 304 -3.82 -9.06 -1.63
C ILE A 304 -3.69 -8.43 -3.00
N PHE A 305 -4.54 -7.44 -3.27
CA PHE A 305 -4.42 -6.61 -4.47
C PHE A 305 -3.46 -5.48 -4.10
N GLY A 306 -2.16 -5.78 -4.24
CA GLY A 306 -1.10 -4.85 -3.97
C GLY A 306 -0.81 -3.94 -5.15
N ASP A 307 0.35 -3.30 -5.11
CA ASP A 307 0.66 -2.22 -6.05
C ASP A 307 0.59 -2.69 -7.50
N VAL A 308 1.01 -3.92 -7.81
CA VAL A 308 0.92 -4.45 -9.17
C VAL A 308 -0.47 -4.28 -9.75
N ALA A 309 -1.50 -4.59 -8.95
CA ALA A 309 -2.87 -4.42 -9.39
C ALA A 309 -3.33 -2.97 -9.30
N LEU A 310 -3.07 -2.31 -8.17
CA LEU A 310 -3.63 -0.99 -7.96
C LEU A 310 -3.08 0.04 -8.93
N LYS A 311 -1.81 -0.09 -9.33
CA LYS A 311 -1.20 0.88 -10.22
CA LYS A 311 -1.25 0.92 -10.21
C LYS A 311 -1.81 0.85 -11.62
N ALA A 312 -2.53 -0.20 -11.97
CA ALA A 312 -3.26 -0.26 -13.23
C ALA A 312 -4.57 0.49 -13.19
N ALA A 313 -4.95 1.07 -12.05
CA ALA A 313 -6.25 1.68 -11.89
C ALA A 313 -6.13 3.01 -11.14
N PHE A 314 -7.20 3.79 -11.27
CA PHE A 314 -7.49 4.91 -10.37
C PHE A 314 -8.43 4.35 -9.31
N VAL A 315 -8.03 4.42 -8.04
CA VAL A 315 -8.71 3.69 -6.97
C VAL A 315 -9.26 4.68 -5.95
N VAL A 316 -10.56 4.59 -5.70
CA VAL A 316 -11.27 5.41 -4.73
C VAL A 316 -11.49 4.62 -3.47
N PHE A 317 -10.98 5.15 -2.35
CA PHE A 317 -11.23 4.62 -1.01
C PHE A 317 -12.31 5.51 -0.41
N ASN A 318 -13.55 5.03 -0.47
CA ASN A 318 -14.71 5.80 -0.04
C ASN A 318 -15.00 5.49 1.42
N GLY A 319 -14.73 6.45 2.31
CA GLY A 319 -14.93 6.30 3.74
C GLY A 319 -16.23 6.87 4.26
N ALA A 320 -17.27 6.86 3.42
CA ALA A 320 -18.61 7.16 3.88
C ALA A 320 -19.04 6.15 4.94
N THR A 321 -20.20 6.43 5.56
CA THR A 321 -20.68 5.62 6.67
C THR A 321 -20.66 4.13 6.33
N THR A 322 -21.08 3.77 5.11
CA THR A 322 -20.84 2.45 4.57
C THR A 322 -19.71 2.56 3.56
N PRO A 323 -18.49 2.15 3.89
CA PRO A 323 -17.37 2.32 2.95
C PRO A 323 -17.55 1.47 1.70
N THR A 324 -16.98 1.96 0.59
CA THR A 324 -16.91 1.22 -0.65
C THR A 324 -15.57 1.52 -1.32
N LEU A 325 -15.23 0.71 -2.31
N LEU A 325 -15.33 0.84 -2.43
CA LEU A 325 -14.07 0.94 -3.16
CA LEU A 325 -14.06 0.92 -3.15
C LEU A 325 -14.55 1.22 -4.58
C LEU A 325 -14.37 1.06 -4.63
N GLY A 326 -13.86 2.12 -5.25
CA GLY A 326 -14.08 2.38 -6.67
C GLY A 326 -12.83 2.14 -7.48
N PHE A 327 -12.99 1.56 -8.68
CA PHE A 327 -11.90 1.35 -9.61
C PHE A 327 -12.27 1.90 -10.97
N ALA A 328 -11.35 2.63 -11.58
CA ALA A 328 -11.46 3.07 -12.96
C ALA A 328 -10.17 2.74 -13.69
N SER A 329 -10.28 2.52 -14.99
CA SER A 329 -9.12 2.49 -15.86
C SER A 329 -8.55 3.90 -16.00
N LYS A 330 -7.31 3.98 -16.47
CA LYS A 330 -6.67 5.28 -16.61
C LYS A 330 -5.63 5.29 -17.72
N1 A1EHQ B . 2.90 -3.82 4.09
C4 A1EHQ B . 7.43 -1.73 3.58
C5 A1EHQ B . 8.84 -1.71 3.45
C6 A1EHQ B . 9.62 -2.66 4.10
C7 A1EHQ B . 9.01 -3.64 4.89
C8 A1EHQ B . 7.61 -3.68 5.01
C1 A1EHQ B . 3.37 -3.26 5.35
C2 A1EHQ B . 4.89 -3.44 5.54
C3 A1EHQ B . 6.87 -2.72 4.35
O1 A1EHQ B . 5.46 -2.71 4.46
S DMS C . 6.53 -5.69 0.41
O DMS C . 5.17 -6.15 -0.09
C1 DMS C . 6.68 -6.22 2.13
C2 DMS C . 6.38 -3.93 0.70
H11 DMS C . 7.51 -5.90 2.50
H12 DMS C . 6.65 -7.18 2.18
H13 DMS C . 5.94 -5.85 2.65
H21 DMS C . 7.23 -3.59 1.04
H22 DMS C . 5.69 -3.76 1.35
H23 DMS C . 6.17 -3.48 -0.13
S DMS D . 0.18 8.22 -12.69
O DMS D . -0.87 7.30 -13.29
C1 DMS D . 1.70 7.98 -13.61
C2 DMS D . -0.14 9.89 -13.31
H11 DMS D . 2.11 7.14 -13.35
H12 DMS D . 2.32 8.71 -13.42
H13 DMS D . 1.51 7.97 -14.57
H21 DMS D . -1.06 10.14 -13.11
H22 DMS D . -0.01 9.90 -14.27
H23 DMS D . 0.47 10.51 -12.89
S DMS E . -2.56 -15.50 -24.49
O DMS E . -2.66 -14.01 -24.29
C1 DMS E . -1.77 -16.13 -22.99
C2 DMS E . -4.22 -16.18 -24.27
H11 DMS E . -1.95 -15.53 -22.25
H12 DMS E . -0.82 -16.20 -23.12
H13 DMS E . -2.13 -17.01 -22.78
H21 DMS E . -4.81 -15.48 -23.94
H22 DMS E . -4.19 -16.91 -23.63
H23 DMS E . -4.56 -16.51 -25.12
#